data_7TNH
#
_entry.id   7TNH
#
_cell.length_a   81.080
_cell.length_b   81.080
_cell.length_c   146.670
_cell.angle_alpha   90.000
_cell.angle_beta   90.000
_cell.angle_gamma   120.000
#
_symmetry.space_group_name_H-M   'H 3'
#
loop_
_entity.id
_entity.type
_entity.pdbx_description
1 polymer 'Macrophage colony-stimulating factor 1 receptor,Fibroblast growth factor receptor 1 chimera'
2 non-polymer 'SODIUM ION'
3 non-polymer 'CHLORIDE ION'
4 non-polymer 2,2-dimethyl-N-[(6-methyl-5-{[2-(1-methyl-1H-pyrazol-4-yl)pyridin-4-yl]oxy}pyridin-2-yl)carbamoyl]propanamide
5 water water
#
_entity_poly.entity_id   1
_entity_poly.type   'polypeptide(L)'
_entity_poly.pdbx_seq_one_letter_code
;MHHHHHHHHENLYFQGSRWKIIESYEGNSYTFIDPTQLPYNEKWEFPRNNLQFGKTLGAGAFGKVVEATAFGLGKEDAVL
KVAVKMLKSTAHADEKEALMSELKIMSHLGQHENIVNLLGACTHGGPVLVITEYCCYGDLLNFLRRKRPPGLEYSYNPSH
NPEEQLSSRDLLHFSSQVAQGMAFLASKNCIHRDVAARNVLLTNGHVAKIGDFGLARDIMNDSNYIVKGNARLPVKWMAP
ESIFDCVYTVQSDVWSYGILLWEIFSLGLNPYPGILVNSKFYKLVKDGYQMAQPAFAPKNIYSIMQACWALEPTHRPTFQ
QICSFLQEQAQEDRRERD
;
_entity_poly.pdbx_strand_id   A
#
# COMPACT_ATOMS: atom_id res chain seq x y z
N ARG A 18 -0.69 8.26 6.14
CA ARG A 18 -0.59 8.17 4.66
C ARG A 18 0.87 8.24 4.23
N TRP A 19 1.08 8.22 2.91
CA TRP A 19 2.40 8.07 2.29
C TRP A 19 3.10 9.41 2.02
N LYS A 20 4.23 9.66 2.69
CA LYS A 20 4.92 10.96 2.62
C LYS A 20 6.24 10.95 1.82
N ILE A 21 6.69 12.14 1.43
CA ILE A 21 7.92 12.29 0.64
C ILE A 21 9.11 12.69 1.50
N ILE A 22 10.11 11.81 1.58
CA ILE A 22 11.27 11.99 2.47
C ILE A 22 12.34 12.85 1.82
N GLU A 23 13.32 13.28 2.63
CA GLU A 23 14.32 14.25 2.19
C GLU A 23 15.59 13.59 1.61
N SER A 29 17.39 8.54 -3.53
CA SER A 29 18.14 9.24 -4.57
C SER A 29 18.26 10.72 -4.22
N TYR A 30 17.42 11.59 -4.79
CA TYR A 30 17.48 13.02 -4.49
C TYR A 30 16.12 13.70 -4.69
N THR A 31 15.61 14.35 -3.64
CA THR A 31 14.33 15.05 -3.71
C THR A 31 14.56 16.54 -3.98
N PHE A 32 13.63 17.16 -4.71
CA PHE A 32 13.74 18.57 -5.12
C PHE A 32 12.52 19.40 -4.65
N LEU A 38 3.56 22.22 -4.00
CA LEU A 38 3.59 21.10 -4.95
C LEU A 38 2.35 21.13 -5.86
N PRO A 39 1.90 22.34 -6.24
CA PRO A 39 0.51 22.59 -6.70
C PRO A 39 0.02 21.73 -7.86
N TYR A 40 -1.29 21.55 -7.92
CA TYR A 40 -1.93 20.65 -8.88
C TYR A 40 -1.66 21.05 -10.34
N ASN A 41 -1.44 20.05 -11.19
CA ASN A 41 -1.27 20.25 -12.62
C ASN A 41 -2.55 19.97 -13.38
N GLU A 42 -3.05 20.98 -14.09
CA GLU A 42 -4.36 20.92 -14.72
C GLU A 42 -4.37 20.00 -15.96
N LYS A 43 -3.20 19.47 -16.33
CA LYS A 43 -3.09 18.43 -17.36
C LYS A 43 -3.90 17.19 -16.97
N TRP A 44 -3.81 16.80 -15.69
CA TRP A 44 -4.54 15.64 -15.12
C TRP A 44 -6.05 15.81 -15.16
N GLU A 45 -6.52 17.05 -15.26
CA GLU A 45 -7.94 17.37 -15.24
C GLU A 45 -8.75 16.60 -16.31
N PHE A 46 -9.96 16.18 -15.94
CA PHE A 46 -10.84 15.35 -16.77
C PHE A 46 -12.30 15.78 -16.62
N PRO A 47 -13.03 15.96 -17.74
CA PRO A 47 -14.46 16.29 -17.64
C PRO A 47 -15.30 15.25 -16.87
N ARG A 48 -15.65 15.57 -15.62
CA ARG A 48 -16.45 14.65 -14.79
C ARG A 48 -17.69 14.18 -15.52
N ASN A 49 -18.16 14.99 -16.47
CA ASN A 49 -19.25 14.63 -17.40
C ASN A 49 -19.09 13.26 -18.06
N ASN A 50 -17.85 12.81 -18.19
CA ASN A 50 -17.57 11.50 -18.79
C ASN A 50 -17.21 10.45 -17.72
N LEU A 51 -18.14 10.27 -16.78
CA LEU A 51 -18.00 9.20 -15.79
C LEU A 51 -19.37 8.71 -15.34
N GLN A 52 -19.62 7.41 -15.54
CA GLN A 52 -20.77 6.74 -14.95
C GLN A 52 -20.24 5.79 -13.88
N PHE A 53 -20.59 6.06 -12.63
CA PHE A 53 -20.13 5.26 -11.49
C PHE A 53 -20.72 3.85 -11.52
N GLY A 54 -20.10 2.95 -10.77
CA GLY A 54 -20.58 1.58 -10.60
C GLY A 54 -20.70 1.24 -9.12
N LYS A 55 -20.35 0.01 -8.76
CA LYS A 55 -20.45 -0.46 -7.37
C LYS A 55 -19.35 0.15 -6.49
N THR A 56 -19.69 0.37 -5.22
CA THR A 56 -18.73 0.88 -4.24
C THR A 56 -17.75 -0.24 -3.84
N LEU A 57 -16.48 -0.08 -4.23
CA LEU A 57 -15.45 -1.09 -4.01
C LEU A 57 -14.85 -1.07 -2.60
N GLY A 58 -15.22 -0.09 -1.79
CA GLY A 58 -14.64 0.08 -0.46
C GLY A 58 -15.01 1.43 0.07
N ALA A 59 -15.13 1.55 1.39
CA ALA A 59 -15.63 2.77 2.01
C ALA A 59 -15.04 2.99 3.38
N GLY A 60 -15.13 4.23 3.86
CA GLY A 60 -14.33 4.65 5.00
C GLY A 60 -14.92 5.73 5.90
N ALA A 61 -14.04 6.25 6.76
CA ALA A 61 -14.41 7.23 7.78
C ALA A 61 -14.63 8.63 7.20
N PHE A 62 -14.12 8.85 5.98
CA PHE A 62 -14.35 10.08 5.26
C PHE A 62 -14.41 9.90 3.73
N GLY A 63 -14.41 8.66 3.25
CA GLY A 63 -14.28 8.42 1.81
C GLY A 63 -14.61 7.02 1.36
N LYS A 64 -14.87 6.90 0.06
CA LYS A 64 -15.22 5.65 -0.58
C LYS A 64 -14.36 5.50 -1.82
N VAL A 65 -14.55 4.40 -2.55
CA VAL A 65 -13.90 4.20 -3.85
C VAL A 65 -14.84 3.35 -4.71
N VAL A 66 -15.01 3.72 -5.98
CA VAL A 66 -16.09 3.13 -6.79
C VAL A 66 -15.63 2.68 -8.19
N GLU A 67 -16.24 1.60 -8.68
CA GLU A 67 -16.06 1.19 -10.08
C GLU A 67 -16.61 2.34 -10.91
N ALA A 68 -16.04 2.57 -12.08
CA ALA A 68 -16.59 3.55 -13.02
C ALA A 68 -16.12 3.25 -14.43
N THR A 69 -16.64 4.01 -15.40
CA THR A 69 -16.15 3.95 -16.78
C THR A 69 -15.87 5.37 -17.31
N ALA A 70 -14.73 5.54 -17.96
CA ALA A 70 -14.26 6.87 -18.37
C ALA A 70 -14.30 7.04 -19.88
N PHE A 71 -15.12 7.98 -20.35
CA PHE A 71 -15.34 8.15 -21.78
C PHE A 71 -14.27 9.06 -22.41
N GLY A 72 -13.08 8.51 -22.61
CA GLY A 72 -12.04 9.13 -23.41
C GLY A 72 -11.01 9.96 -22.65
N LEU A 73 -10.03 9.29 -22.04
CA LEU A 73 -8.92 9.96 -21.33
C LEU A 73 -7.58 9.69 -22.02
N GLY A 74 -7.03 10.74 -22.64
CA GLY A 74 -5.84 10.62 -23.50
C GLY A 74 -6.30 10.41 -24.93
N LYS A 75 -5.53 10.93 -25.90
CA LYS A 75 -5.84 10.75 -27.32
C LYS A 75 -6.03 9.26 -27.64
N GLU A 76 -5.42 8.40 -26.82
CA GLU A 76 -5.80 6.99 -26.74
C GLU A 76 -7.31 6.85 -26.95
N ASP A 77 -8.06 7.73 -26.28
CA ASP A 77 -9.50 7.89 -26.51
C ASP A 77 -10.27 6.61 -26.13
N ALA A 78 -9.84 5.97 -25.04
CA ALA A 78 -10.35 4.66 -24.65
C ALA A 78 -11.70 4.75 -23.93
N VAL A 79 -12.18 3.61 -23.44
CA VAL A 79 -13.29 3.55 -22.49
C VAL A 79 -12.90 2.61 -21.33
N LEU A 80 -11.71 2.85 -20.76
CA LEU A 80 -11.11 1.97 -19.74
C LEU A 80 -11.94 1.97 -18.47
N LYS A 81 -12.06 0.82 -17.82
CA LYS A 81 -12.75 0.73 -16.53
C LYS A 81 -11.79 1.19 -15.45
N VAL A 82 -12.29 1.98 -14.50
CA VAL A 82 -11.45 2.62 -13.49
C VAL A 82 -12.08 2.70 -12.09
N ALA A 83 -11.23 2.96 -11.11
CA ALA A 83 -11.65 3.27 -9.75
C ALA A 83 -11.61 4.78 -9.56
N VAL A 84 -12.61 5.32 -8.83
CA VAL A 84 -12.66 6.72 -8.46
C VAL A 84 -12.73 6.83 -6.94
N LYS A 85 -11.82 7.60 -6.37
CA LYS A 85 -11.86 7.95 -4.96
C LYS A 85 -12.52 9.34 -4.78
N MET A 86 -13.17 9.52 -3.64
CA MET A 86 -13.87 10.77 -3.31
C MET A 86 -14.18 10.87 -1.80
N LEU A 87 -14.51 12.07 -1.32
CA LEU A 87 -14.85 12.29 0.10
C LEU A 87 -16.29 11.93 0.46
N ALA A 91 -17.11 15.32 6.19
CA ALA A 91 -15.77 15.85 6.41
C ALA A 91 -15.64 17.26 5.82
N HIS A 92 -14.99 18.15 6.57
CA HIS A 92 -14.88 19.56 6.19
C HIS A 92 -13.60 19.79 5.40
N ALA A 93 -13.18 21.05 5.30
CA ALA A 93 -11.97 21.44 4.56
C ALA A 93 -10.71 20.82 5.16
N ASP A 94 -10.78 20.43 6.43
CA ASP A 94 -9.73 19.63 7.05
C ASP A 94 -9.50 18.35 6.21
N GLU A 95 -10.58 17.79 5.66
CA GLU A 95 -10.51 16.62 4.76
C GLU A 95 -10.12 16.95 3.31
N LYS A 96 -10.68 18.02 2.76
CA LYS A 96 -10.30 18.48 1.42
C LYS A 96 -8.78 18.53 1.27
N GLU A 97 -8.12 19.32 2.11
CA GLU A 97 -6.66 19.42 2.12
C GLU A 97 -5.99 18.11 1.72
N ALA A 98 -6.23 17.07 2.50
CA ALA A 98 -5.49 15.80 2.39
C ALA A 98 -5.76 14.98 1.12
N LEU A 99 -6.93 15.16 0.51
CA LEU A 99 -7.21 14.49 -0.79
C LEU A 99 -6.42 15.14 -1.91
N MET A 100 -6.39 16.47 -1.93
CA MET A 100 -5.52 17.19 -2.85
C MET A 100 -4.05 16.82 -2.64
N SER A 101 -3.59 16.85 -1.40
CA SER A 101 -2.20 16.46 -1.09
C SER A 101 -1.91 15.08 -1.63
N GLU A 102 -2.89 14.20 -1.48
CA GLU A 102 -2.79 12.87 -2.04
C GLU A 102 -2.56 12.94 -3.53
N LEU A 103 -3.40 13.70 -4.22
CA LEU A 103 -3.35 13.85 -5.68
C LEU A 103 -2.04 14.48 -6.08
N LYS A 104 -1.59 15.45 -5.28
CA LYS A 104 -0.29 16.07 -5.50
C LYS A 104 0.77 14.99 -5.59
N ILE A 105 0.95 14.27 -4.48
CA ILE A 105 1.98 13.23 -4.36
C ILE A 105 1.95 12.29 -5.57
N MET A 106 0.76 11.80 -5.89
CA MET A 106 0.58 10.83 -6.96
C MET A 106 0.90 11.38 -8.35
N SER A 107 0.87 12.70 -8.51
CA SER A 107 1.35 13.32 -9.76
C SER A 107 2.86 13.60 -9.77
N HIS A 108 3.49 13.76 -8.60
CA HIS A 108 4.95 13.91 -8.54
C HIS A 108 5.69 12.64 -8.95
N LEU A 109 5.16 11.48 -8.59
CA LEU A 109 5.84 10.17 -8.80
C LEU A 109 5.80 9.64 -10.24
N GLY A 110 4.72 9.90 -10.97
CA GLY A 110 4.57 9.37 -12.31
C GLY A 110 4.41 7.85 -12.33
N GLN A 111 4.32 7.29 -13.52
CA GLN A 111 3.85 5.91 -13.68
C GLN A 111 4.84 4.83 -13.22
N HIS A 112 4.28 3.67 -12.88
CA HIS A 112 5.01 2.42 -12.69
C HIS A 112 3.99 1.25 -12.75
N GLU A 113 4.43 0.11 -13.26
CA GLU A 113 3.50 -0.99 -13.52
C GLU A 113 3.04 -1.73 -12.26
N ASN A 114 3.91 -1.87 -11.26
CA ASN A 114 3.56 -2.47 -9.96
C ASN A 114 3.09 -1.48 -8.90
N ILE A 115 2.37 -0.46 -9.35
CA ILE A 115 1.87 0.59 -8.48
C ILE A 115 0.53 1.03 -9.05
N VAL A 116 -0.37 1.47 -8.17
CA VAL A 116 -1.69 1.93 -8.62
C VAL A 116 -1.50 3.34 -9.15
N ASN A 117 -1.73 3.51 -10.45
CA ASN A 117 -1.34 4.74 -11.14
C ASN A 117 -2.48 5.76 -11.20
N LEU A 118 -2.13 7.02 -10.97
CA LEU A 118 -3.05 8.12 -11.23
C LEU A 118 -3.30 8.22 -12.73
N LEU A 119 -4.56 8.23 -13.13
CA LEU A 119 -4.87 8.53 -14.52
C LEU A 119 -5.36 9.96 -14.64
N GLY A 120 -6.36 10.32 -13.83
CA GLY A 120 -6.90 11.69 -13.86
C GLY A 120 -7.58 12.15 -12.59
N ALA A 121 -8.23 13.31 -12.68
CA ALA A 121 -8.93 13.92 -11.56
C ALA A 121 -9.94 14.96 -12.04
N CYS A 122 -10.96 15.22 -11.21
CA CYS A 122 -11.90 16.31 -11.46
C CYS A 122 -11.94 17.21 -10.23
N THR A 123 -11.25 18.35 -10.30
CA THR A 123 -11.14 19.28 -9.17
C THR A 123 -11.94 20.59 -9.33
N HIS A 124 -12.84 20.63 -10.30
CA HIS A 124 -13.68 21.81 -10.55
C HIS A 124 -15.12 21.39 -10.79
N GLY A 125 -16.06 22.31 -10.64
CA GLY A 125 -17.46 21.99 -10.89
C GLY A 125 -18.06 20.94 -9.99
N GLY A 126 -17.43 20.68 -8.84
CA GLY A 126 -17.91 19.67 -7.89
C GLY A 126 -16.88 19.17 -6.91
N PRO A 127 -17.21 18.10 -6.17
CA PRO A 127 -16.24 17.55 -5.24
C PRO A 127 -15.04 16.92 -5.95
N VAL A 128 -13.92 16.80 -5.25
CA VAL A 128 -12.71 16.26 -5.87
C VAL A 128 -12.91 14.77 -6.14
N LEU A 129 -12.56 14.35 -7.35
CA LEU A 129 -12.63 12.96 -7.71
C LEU A 129 -11.24 12.58 -8.13
N VAL A 130 -10.76 11.45 -7.65
CA VAL A 130 -9.44 11.00 -8.05
C VAL A 130 -9.59 9.67 -8.75
N ILE A 131 -9.11 9.64 -9.99
CA ILE A 131 -9.26 8.50 -10.84
C ILE A 131 -7.95 7.74 -10.88
N THR A 132 -8.03 6.43 -10.68
CA THR A 132 -6.88 5.54 -10.71
C THR A 132 -7.13 4.33 -11.60
N GLU A 133 -6.09 3.55 -11.86
CA GLU A 133 -6.25 2.27 -12.53
C GLU A 133 -7.18 1.36 -11.74
N TYR A 134 -7.65 0.30 -12.41
CA TYR A 134 -8.55 -0.66 -11.80
C TYR A 134 -7.86 -2.04 -11.68
N CYS A 135 -8.16 -2.74 -10.58
CA CYS A 135 -7.56 -4.04 -10.28
C CYS A 135 -8.67 -5.06 -10.00
N CYS A 136 -9.03 -5.83 -11.04
CA CYS A 136 -10.25 -6.64 -11.03
C CYS A 136 -10.35 -7.67 -9.89
N TYR A 137 -9.20 -8.26 -9.56
CA TYR A 137 -9.18 -9.37 -8.59
C TYR A 137 -9.16 -8.86 -7.15
N GLY A 138 -8.94 -7.56 -6.97
CA GLY A 138 -9.08 -6.94 -5.67
C GLY A 138 -7.84 -7.11 -4.82
N ASP A 139 -8.03 -7.23 -3.51
CA ASP A 139 -6.89 -7.21 -2.61
C ASP A 139 -6.29 -8.60 -2.42
N LEU A 140 -4.97 -8.61 -2.27
CA LEU A 140 -4.20 -9.83 -2.08
C LEU A 140 -4.57 -10.64 -0.83
N LEU A 141 -4.88 -9.98 0.30
CA LEU A 141 -5.22 -10.73 1.54
C LEU A 141 -6.47 -11.58 1.38
N ASN A 142 -7.55 -11.00 0.84
CA ASN A 142 -8.78 -11.77 0.62
C ASN A 142 -8.55 -12.86 -0.40
N PHE A 143 -7.85 -12.50 -1.47
CA PHE A 143 -7.49 -13.45 -2.52
C PHE A 143 -6.71 -14.65 -1.97
N LEU A 144 -5.72 -14.39 -1.12
CA LEU A 144 -4.92 -15.47 -0.51
C LEU A 144 -5.76 -16.35 0.40
N ARG A 145 -6.78 -15.75 1.04
CA ARG A 145 -7.69 -16.50 1.90
C ARG A 145 -8.71 -17.31 1.07
N ARG A 146 -9.26 -16.69 0.02
CA ARG A 146 -10.20 -17.35 -0.90
C ARG A 146 -9.68 -18.69 -1.43
N LYS A 147 -8.36 -18.75 -1.69
CA LYS A 147 -7.66 -20.01 -2.02
C LYS A 147 -7.02 -20.59 -0.76
N LEU A 166 -2.98 -21.77 -7.60
CA LEU A 166 -1.93 -20.89 -7.07
C LEU A 166 -0.71 -21.71 -6.63
N SER A 167 0.49 -21.23 -6.97
CA SER A 167 1.74 -21.99 -6.79
C SER A 167 2.86 -21.14 -6.19
N SER A 168 3.90 -21.82 -5.69
CA SER A 168 5.07 -21.14 -5.08
C SER A 168 5.90 -20.47 -6.18
N ARG A 169 5.48 -20.63 -7.44
CA ARG A 169 5.88 -19.70 -8.51
C ARG A 169 5.12 -18.38 -8.32
N ASP A 170 3.79 -18.48 -8.18
CA ASP A 170 2.96 -17.29 -7.96
C ASP A 170 3.28 -16.45 -6.72
N LEU A 171 3.69 -17.07 -5.63
CA LEU A 171 4.08 -16.30 -4.43
C LEU A 171 5.38 -15.55 -4.71
N LEU A 172 6.38 -16.24 -5.24
CA LEU A 172 7.58 -15.59 -5.72
C LEU A 172 7.23 -14.45 -6.71
N HIS A 173 6.19 -14.65 -7.53
CA HIS A 173 5.74 -13.58 -8.46
C HIS A 173 5.22 -12.38 -7.68
N PHE A 174 4.17 -12.61 -6.88
CA PHE A 174 3.60 -11.56 -6.03
C PHE A 174 4.68 -10.84 -5.23
N SER A 175 5.57 -11.61 -4.63
CA SER A 175 6.62 -11.07 -3.76
C SER A 175 7.56 -10.14 -4.53
N SER A 176 7.75 -10.43 -5.81
CA SER A 176 8.74 -9.72 -6.63
C SER A 176 8.18 -8.43 -7.18
N GLN A 177 6.90 -8.48 -7.56
CA GLN A 177 6.21 -7.33 -8.13
C GLN A 177 6.04 -6.22 -7.10
N VAL A 178 5.62 -6.57 -5.88
CA VAL A 178 5.50 -5.57 -4.81
C VAL A 178 6.86 -5.00 -4.46
N ALA A 179 7.89 -5.84 -4.49
CA ALA A 179 9.26 -5.37 -4.33
C ALA A 179 9.63 -4.31 -5.39
N GLN A 180 9.18 -4.54 -6.62
CA GLN A 180 9.36 -3.58 -7.71
C GLN A 180 8.62 -2.26 -7.43
N GLY A 181 7.46 -2.36 -6.80
CA GLY A 181 6.67 -1.17 -6.44
C GLY A 181 7.37 -0.34 -5.38
N MET A 182 7.72 -0.97 -4.27
CA MET A 182 8.35 -0.23 -3.18
C MET A 182 9.68 0.35 -3.62
N ALA A 183 10.38 -0.39 -4.49
CA ALA A 183 11.67 0.05 -4.95
C ALA A 183 11.49 1.37 -5.70
N PHE A 184 10.37 1.46 -6.42
CA PHE A 184 10.01 2.68 -7.13
C PHE A 184 9.63 3.81 -6.18
N LEU A 185 8.85 3.51 -5.13
CA LEU A 185 8.50 4.55 -4.18
C LEU A 185 9.78 4.99 -3.45
N ALA A 186 10.57 4.01 -3.04
CA ALA A 186 11.85 4.30 -2.42
C ALA A 186 12.70 5.25 -3.26
N SER A 187 12.69 5.08 -4.58
CA SER A 187 13.57 5.86 -5.48
C SER A 187 13.17 7.34 -5.59
N LYS A 188 11.87 7.61 -5.36
CA LYS A 188 11.35 8.98 -5.28
C LYS A 188 11.40 9.51 -3.86
N ASN A 189 12.05 8.76 -2.98
CA ASN A 189 12.02 9.03 -1.56
C ASN A 189 10.59 9.16 -1.05
N CYS A 190 9.71 8.30 -1.57
CA CYS A 190 8.33 8.21 -1.11
C CYS A 190 8.21 7.03 -0.16
N ILE A 191 7.75 7.32 1.06
CA ILE A 191 7.46 6.26 2.01
C ILE A 191 5.96 6.01 1.99
N HIS A 192 5.57 4.79 2.33
CA HIS A 192 4.20 4.32 2.21
C HIS A 192 3.52 4.34 3.59
N ARG A 193 4.04 3.53 4.52
CA ARG A 193 3.63 3.52 5.95
C ARG A 193 2.43 2.64 6.32
N ASP A 194 1.86 1.97 5.34
CA ASP A 194 0.83 0.94 5.58
C ASP A 194 1.00 -0.19 4.56
N VAL A 195 2.25 -0.63 4.40
CA VAL A 195 2.57 -1.75 3.54
C VAL A 195 2.04 -2.99 4.24
N ALA A 196 0.94 -3.51 3.70
CA ALA A 196 0.33 -4.72 4.22
C ALA A 196 -0.31 -5.42 3.04
N ALA A 197 -0.62 -6.70 3.19
CA ALA A 197 -1.29 -7.50 2.15
C ALA A 197 -2.63 -6.92 1.70
N ARG A 198 -3.46 -6.51 2.66
CA ARG A 198 -4.78 -5.92 2.40
C ARG A 198 -4.72 -4.70 1.49
N ASN A 199 -3.55 -4.06 1.44
CA ASN A 199 -3.30 -2.93 0.55
C ASN A 199 -2.47 -3.33 -0.69
N VAL A 200 -2.39 -4.63 -0.98
CA VAL A 200 -1.91 -5.03 -2.30
C VAL A 200 -3.08 -5.50 -3.17
N LEU A 201 -3.16 -4.92 -4.36
CA LEU A 201 -4.25 -5.23 -5.29
C LEU A 201 -3.75 -6.11 -6.42
N LEU A 202 -4.62 -6.96 -6.91
CA LEU A 202 -4.33 -7.84 -8.06
C LEU A 202 -5.12 -7.42 -9.30
N THR A 203 -4.39 -7.02 -10.34
CA THR A 203 -4.97 -6.51 -11.60
C THR A 203 -4.87 -7.52 -12.76
N ASN A 204 -5.28 -7.10 -13.95
CA ASN A 204 -5.19 -7.95 -15.15
C ASN A 204 -3.92 -8.83 -15.18
N GLY A 205 -4.15 -10.14 -15.13
CA GLY A 205 -3.07 -11.16 -15.10
C GLY A 205 -2.79 -11.70 -13.71
N HIS A 206 -3.55 -11.23 -12.71
CA HIS A 206 -3.21 -11.41 -11.31
C HIS A 206 -1.85 -10.74 -10.97
N VAL A 207 -1.59 -9.58 -11.59
CA VAL A 207 -0.34 -8.84 -11.38
C VAL A 207 -0.50 -7.86 -10.20
N ALA A 208 0.53 -7.74 -9.39
CA ALA A 208 0.44 -7.02 -8.14
C ALA A 208 0.83 -5.58 -8.33
N LYS A 209 0.03 -4.70 -7.73
CA LYS A 209 0.37 -3.29 -7.56
C LYS A 209 0.14 -2.91 -6.11
N ILE A 210 1.03 -2.06 -5.60
CA ILE A 210 0.79 -1.37 -4.33
C ILE A 210 -0.06 -0.13 -4.54
N GLY A 211 -1.12 -0.04 -3.75
CA GLY A 211 -1.88 1.19 -3.62
C GLY A 211 -2.02 1.48 -2.14
N ASP A 212 -3.08 2.21 -1.80
CA ASP A 212 -3.43 2.53 -0.44
C ASP A 212 -4.90 2.98 -0.47
N PHE A 213 -5.78 2.13 0.04
CA PHE A 213 -7.18 2.48 0.27
C PHE A 213 -7.32 3.81 1.03
N GLY A 214 -6.48 4.02 2.04
CA GLY A 214 -6.39 5.30 2.78
C GLY A 214 -7.73 5.89 3.19
N LEU A 215 -8.16 6.94 2.51
CA LEU A 215 -9.46 7.54 2.79
C LEU A 215 -10.59 6.53 2.69
N ALA A 216 -10.49 5.63 1.71
CA ALA A 216 -11.55 4.69 1.38
C ALA A 216 -11.46 3.38 2.17
N ARG A 217 -10.80 3.43 3.32
CA ARG A 217 -10.58 2.26 4.15
C ARG A 217 -11.16 2.47 5.55
N ASP A 218 -12.05 1.57 5.94
CA ASP A 218 -12.67 1.61 7.25
C ASP A 218 -11.67 1.25 8.38
N ILE A 219 -10.76 2.18 8.69
CA ILE A 219 -9.81 2.01 9.79
C ILE A 219 -10.48 1.90 11.15
N MET A 220 -11.56 2.66 11.34
CA MET A 220 -12.17 2.74 12.65
C MET A 220 -12.62 1.36 13.13
N ASN A 221 -13.11 0.55 12.21
CA ASN A 221 -13.70 -0.73 12.57
C ASN A 221 -12.77 -1.90 12.30
N ASP A 222 -11.51 -1.60 11.97
CA ASP A 222 -10.50 -2.61 11.67
C ASP A 222 -9.61 -2.78 12.90
N SER A 223 -9.68 -3.96 13.49
CA SER A 223 -8.99 -4.25 14.75
C SER A 223 -7.50 -4.42 14.54
N ASN A 224 -7.11 -4.53 13.28
CA ASN A 224 -5.70 -4.43 12.92
C ASN A 224 -5.17 -3.01 13.08
N TYR A 225 -6.02 -2.03 13.39
CA TYR A 225 -5.59 -0.65 13.67
C TYR A 225 -5.80 -0.28 15.17
N ILE A 226 -4.72 -0.34 15.94
CA ILE A 226 -4.79 -0.06 17.38
C ILE A 226 -4.86 1.46 17.61
N VAL A 227 -5.44 1.89 18.73
CA VAL A 227 -5.50 3.32 19.04
C VAL A 227 -4.15 3.85 19.55
N LYS A 228 -3.88 5.12 19.28
CA LYS A 228 -2.71 5.76 19.82
C LYS A 228 -2.85 7.26 19.62
N GLY A 229 -3.45 7.93 20.60
CA GLY A 229 -3.69 9.37 20.51
C GLY A 229 -4.88 9.67 19.60
N ASN A 230 -4.68 10.57 18.65
CA ASN A 230 -5.70 10.83 17.60
C ASN A 230 -5.70 9.69 16.54
N ALA A 231 -4.50 9.25 16.17
CA ALA A 231 -4.29 8.26 15.10
C ALA A 231 -4.56 6.81 15.50
N ARG A 232 -4.66 5.95 14.48
CA ARG A 232 -4.85 4.50 14.64
C ARG A 232 -3.97 3.72 13.67
N LEU A 233 -3.01 2.97 14.20
CA LEU A 233 -1.91 2.47 13.37
C LEU A 233 -1.78 0.94 13.34
N PRO A 234 -1.26 0.41 12.23
CA PRO A 234 -1.23 -1.03 12.03
C PRO A 234 -0.06 -1.67 12.77
N VAL A 235 -0.17 -1.72 14.09
CA VAL A 235 0.99 -1.96 14.98
C VAL A 235 1.77 -3.23 14.63
N LYS A 236 1.04 -4.29 14.32
CA LYS A 236 1.65 -5.57 13.91
C LYS A 236 2.51 -5.49 12.62
N TRP A 237 2.44 -4.40 11.89
CA TRP A 237 3.22 -4.25 10.64
C TRP A 237 4.32 -3.22 10.78
N MET A 238 4.40 -2.58 11.94
CA MET A 238 5.28 -1.43 12.10
C MET A 238 6.62 -1.85 12.60
N ALA A 239 7.65 -1.20 12.08
CA ALA A 239 8.98 -1.37 12.62
C ALA A 239 8.93 -0.86 14.04
N PRO A 240 9.85 -1.32 14.90
CA PRO A 240 9.78 -0.88 16.28
C PRO A 240 9.93 0.61 16.35
N GLU A 241 11.02 1.14 15.78
CA GLU A 241 11.31 2.58 15.81
C GLU A 241 10.12 3.49 15.46
N SER A 242 9.10 2.95 14.78
CA SER A 242 7.90 3.73 14.47
C SER A 242 6.91 3.68 15.61
N ILE A 243 6.77 2.51 16.21
CA ILE A 243 5.90 2.36 17.36
C ILE A 243 6.44 3.25 18.47
N PHE A 244 7.70 3.03 18.84
CA PHE A 244 8.31 3.64 20.03
C PHE A 244 8.84 5.06 19.82
N ASP A 245 9.58 5.29 18.73
CA ASP A 245 10.26 6.59 18.48
C ASP A 245 9.61 7.40 17.34
N CYS A 246 8.42 6.99 16.90
CA CYS A 246 7.70 7.73 15.86
C CYS A 246 8.57 8.11 14.63
N VAL A 247 9.57 7.29 14.32
CA VAL A 247 10.44 7.54 13.16
C VAL A 247 10.07 6.62 12.00
N TYR A 248 10.03 7.17 10.78
CA TYR A 248 9.49 6.48 9.60
C TYR A 248 10.35 6.70 8.36
N THR A 249 10.95 5.62 7.85
CA THR A 249 11.79 5.71 6.65
C THR A 249 11.44 4.63 5.62
N VAL A 250 12.12 4.70 4.49
CA VAL A 250 12.12 3.61 3.52
C VAL A 250 12.43 2.30 4.25
N GLN A 251 13.39 2.36 5.17
CA GLN A 251 13.84 1.19 5.93
C GLN A 251 12.74 0.75 6.87
N SER A 252 11.87 1.68 7.24
CA SER A 252 10.69 1.31 8.01
C SER A 252 9.74 0.47 7.15
N ASP A 253 9.51 0.91 5.92
CA ASP A 253 8.65 0.18 4.99
C ASP A 253 9.19 -1.24 4.70
N VAL A 254 10.51 -1.39 4.76
CA VAL A 254 11.10 -2.72 4.65
C VAL A 254 10.62 -3.65 5.77
N TRP A 255 10.53 -3.14 6.99
CA TRP A 255 10.02 -3.96 8.08
C TRP A 255 8.65 -4.47 7.69
N SER A 256 7.75 -3.54 7.40
CA SER A 256 6.43 -3.89 6.94
C SER A 256 6.50 -4.87 5.76
N TYR A 257 7.39 -4.62 4.81
CA TYR A 257 7.52 -5.55 3.67
C TYR A 257 7.80 -7.01 4.09
N GLY A 258 8.54 -7.19 5.18
CA GLY A 258 8.84 -8.53 5.67
C GLY A 258 7.59 -9.20 6.22
N ILE A 259 6.62 -8.38 6.63
CA ILE A 259 5.41 -8.89 7.26
C ILE A 259 4.50 -9.35 6.13
N LEU A 260 4.35 -8.49 5.14
CA LEU A 260 3.72 -8.88 3.91
C LEU A 260 4.21 -10.23 3.45
N LEU A 261 5.54 -10.46 3.53
CA LEU A 261 6.10 -11.77 3.14
C LEU A 261 5.51 -12.87 4.00
N TRP A 262 5.47 -12.63 5.30
CA TRP A 262 4.91 -13.62 6.22
C TRP A 262 3.45 -13.91 5.90
N GLU A 263 2.69 -12.85 5.59
CA GLU A 263 1.31 -13.02 5.11
C GLU A 263 1.36 -13.92 3.89
N ILE A 264 2.05 -13.46 2.85
CA ILE A 264 1.97 -14.11 1.54
C ILE A 264 2.24 -15.60 1.67
N PHE A 265 3.20 -15.98 2.52
CA PHE A 265 3.61 -17.37 2.60
C PHE A 265 2.88 -18.13 3.70
N SER A 266 1.97 -17.46 4.39
CA SER A 266 1.02 -18.15 5.28
C SER A 266 -0.37 -18.29 4.61
N LEU A 267 -0.50 -17.72 3.41
CA LEU A 267 -1.80 -17.57 2.72
C LEU A 267 -2.80 -16.84 3.62
N GLY A 268 -2.35 -15.72 4.17
CA GLY A 268 -3.20 -14.74 4.80
C GLY A 268 -3.49 -14.95 6.26
N LEU A 269 -2.63 -15.65 6.98
CA LEU A 269 -2.71 -15.63 8.44
C LEU A 269 -2.49 -14.21 8.95
N ASN A 270 -3.28 -13.82 9.93
CA ASN A 270 -3.01 -12.62 10.67
C ASN A 270 -1.68 -12.84 11.41
N PRO A 271 -0.70 -11.91 11.23
CA PRO A 271 0.61 -12.02 11.88
C PRO A 271 0.54 -12.17 13.43
N TYR A 272 1.62 -12.65 14.05
CA TYR A 272 1.63 -12.95 15.47
C TYR A 272 0.36 -13.67 15.90
N PRO A 273 0.02 -14.78 15.20
CA PRO A 273 -1.21 -15.57 15.41
C PRO A 273 -1.54 -15.86 16.88
N GLY A 274 -2.70 -15.38 17.33
CA GLY A 274 -3.12 -15.55 18.72
C GLY A 274 -2.47 -14.62 19.74
N ILE A 275 -1.45 -13.86 19.33
CA ILE A 275 -0.73 -12.98 20.25
C ILE A 275 -1.40 -11.61 20.26
N LEU A 276 -1.90 -11.21 21.43
CA LEU A 276 -2.56 -9.94 21.59
C LEU A 276 -1.54 -8.82 21.69
N VAL A 277 -2.06 -7.59 21.63
CA VAL A 277 -1.22 -6.41 21.50
C VAL A 277 -1.46 -5.51 22.72
N ASN A 278 -0.40 -5.37 23.53
CA ASN A 278 -0.45 -4.84 24.91
C ASN A 278 0.98 -4.83 25.50
N SER A 279 1.12 -4.91 26.82
CA SER A 279 2.45 -4.87 27.46
C SER A 279 3.41 -5.91 26.87
N LYS A 280 2.97 -7.17 26.86
CA LYS A 280 3.82 -8.29 26.45
C LYS A 280 4.39 -8.14 25.03
N PHE A 281 3.54 -7.69 24.10
CA PHE A 281 3.89 -7.59 22.69
C PHE A 281 5.08 -6.67 22.42
N TYR A 282 4.92 -5.42 22.84
CA TYR A 282 5.94 -4.43 22.60
C TYR A 282 7.28 -4.90 23.16
N LYS A 283 7.24 -5.55 24.31
CA LYS A 283 8.46 -6.10 24.90
C LYS A 283 9.11 -7.14 23.99
N LEU A 284 8.29 -8.01 23.40
CA LEU A 284 8.79 -9.06 22.51
C LEU A 284 9.50 -8.49 21.29
N VAL A 285 9.00 -7.39 20.73
CA VAL A 285 9.73 -6.77 19.64
C VAL A 285 10.95 -5.99 20.17
N LYS A 286 10.81 -5.33 21.31
CA LYS A 286 11.99 -4.73 21.96
C LYS A 286 13.03 -5.82 22.28
N ASP A 287 12.58 -6.97 22.79
CA ASP A 287 13.47 -8.11 23.00
C ASP A 287 14.02 -8.61 21.68
N GLY A 288 13.19 -8.53 20.65
CA GLY A 288 13.58 -8.97 19.33
C GLY A 288 13.05 -10.35 18.99
N TYR A 289 11.87 -10.68 19.49
CA TYR A 289 11.12 -11.84 19.04
C TYR A 289 10.82 -11.74 17.53
N GLN A 290 10.81 -12.87 16.83
CA GLN A 290 10.42 -12.93 15.42
C GLN A 290 9.46 -14.09 15.19
N MET A 291 8.45 -13.84 14.33
CA MET A 291 7.52 -14.87 13.88
C MET A 291 8.32 -16.02 13.32
N ALA A 292 7.83 -17.24 13.52
CA ALA A 292 8.49 -18.40 12.99
C ALA A 292 8.40 -18.40 11.44
N GLN A 293 9.10 -19.32 10.79
CA GLN A 293 8.99 -19.49 9.35
C GLN A 293 7.58 -20.00 9.05
N PRO A 294 6.88 -19.36 8.08
CA PRO A 294 5.58 -19.90 7.63
C PRO A 294 5.69 -21.16 6.76
N ALA A 295 4.55 -21.85 6.65
CA ALA A 295 4.48 -23.17 6.00
C ALA A 295 5.08 -23.24 4.61
N PHE A 296 4.81 -22.24 3.76
CA PHE A 296 5.14 -22.34 2.32
C PHE A 296 6.27 -21.43 1.88
N ALA A 297 7.02 -20.88 2.82
CA ALA A 297 8.20 -20.11 2.49
C ALA A 297 9.35 -21.09 2.31
N PRO A 298 9.96 -21.12 1.11
CA PRO A 298 11.26 -21.77 1.01
C PRO A 298 12.20 -21.04 1.95
N LYS A 299 13.09 -21.78 2.62
CA LYS A 299 13.95 -21.22 3.70
C LYS A 299 14.62 -19.92 3.28
N ASN A 300 15.00 -19.87 2.01
CA ASN A 300 15.57 -18.68 1.38
C ASN A 300 14.78 -17.43 1.70
N ILE A 301 13.48 -17.51 1.41
CA ILE A 301 12.56 -16.42 1.64
C ILE A 301 12.46 -16.07 3.13
N TYR A 302 12.49 -17.06 4.02
CA TYR A 302 12.43 -16.75 5.44
C TYR A 302 13.62 -15.91 5.84
N SER A 303 14.78 -16.18 5.26
CA SER A 303 15.98 -15.37 5.48
C SER A 303 15.75 -13.93 5.04
N ILE A 304 14.98 -13.76 3.96
CA ILE A 304 14.60 -12.41 3.50
C ILE A 304 13.74 -11.76 4.58
N MET A 305 12.74 -12.49 5.06
CA MET A 305 11.94 -12.00 6.18
C MET A 305 12.80 -11.54 7.35
N GLN A 306 13.77 -12.37 7.76
CA GLN A 306 14.62 -12.05 8.92
C GLN A 306 15.52 -10.85 8.67
N ALA A 307 16.07 -10.75 7.47
CA ALA A 307 16.81 -9.56 7.06
C ALA A 307 16.00 -8.31 7.37
N CYS A 308 14.85 -8.18 6.72
CA CYS A 308 13.87 -7.09 6.94
C CYS A 308 13.61 -6.79 8.44
N TRP A 309 13.57 -7.83 9.28
CA TRP A 309 13.22 -7.69 10.68
C TRP A 309 14.46 -7.46 11.56
N ALA A 310 15.56 -7.02 10.96
CA ALA A 310 16.71 -6.56 11.70
C ALA A 310 16.31 -5.34 12.53
N LEU A 311 16.83 -5.23 13.75
CA LEU A 311 16.41 -4.18 14.66
C LEU A 311 16.97 -2.80 14.26
N GLU A 312 18.26 -2.74 13.94
CA GLU A 312 18.88 -1.50 13.47
C GLU A 312 18.48 -1.30 12.01
N PRO A 313 17.67 -0.27 11.72
CA PRO A 313 17.25 0.03 10.36
C PRO A 313 18.35 -0.10 9.32
N THR A 314 19.52 0.46 9.62
CA THR A 314 20.63 0.50 8.69
C THR A 314 21.22 -0.87 8.30
N HIS A 315 20.78 -1.94 8.96
CA HIS A 315 21.20 -3.32 8.60
C HIS A 315 20.13 -4.12 7.85
N ARG A 316 18.94 -3.54 7.67
CA ARG A 316 17.92 -4.15 6.79
C ARG A 316 18.28 -3.88 5.33
N PRO A 317 17.86 -4.74 4.41
CA PRO A 317 18.22 -4.48 3.03
C PRO A 317 17.41 -3.36 2.39
N THR A 318 17.62 -3.19 1.09
CA THR A 318 16.79 -2.30 0.29
C THR A 318 15.93 -3.10 -0.67
N PHE A 319 14.92 -2.43 -1.19
CA PHE A 319 14.02 -3.04 -2.15
C PHE A 319 14.78 -3.47 -3.41
N GLN A 320 15.78 -2.70 -3.81
CA GLN A 320 16.61 -3.10 -4.94
C GLN A 320 17.29 -4.45 -4.65
N GLN A 321 17.91 -4.55 -3.48
CA GLN A 321 18.55 -5.80 -3.08
C GLN A 321 17.56 -6.94 -3.02
N ILE A 322 16.41 -6.68 -2.39
CA ILE A 322 15.34 -7.67 -2.36
C ILE A 322 14.93 -8.03 -3.78
N CYS A 323 14.73 -7.02 -4.63
CA CYS A 323 14.39 -7.22 -6.04
C CYS A 323 15.41 -8.09 -6.74
N SER A 324 16.68 -7.88 -6.41
CA SER A 324 17.78 -8.57 -7.08
C SER A 324 17.94 -10.02 -6.60
N PHE A 325 17.73 -10.26 -5.31
CA PHE A 325 17.76 -11.62 -4.77
C PHE A 325 16.60 -12.49 -5.30
N LEU A 326 15.50 -11.84 -5.68
CA LEU A 326 14.38 -12.54 -6.29
C LEU A 326 14.61 -12.78 -7.79
N GLN A 327 15.44 -11.96 -8.44
CA GLN A 327 15.91 -12.27 -9.81
C GLN A 327 16.58 -13.64 -9.84
N GLU A 328 17.27 -13.98 -8.75
CA GLU A 328 17.83 -15.32 -8.53
C GLU A 328 17.08 -16.03 -7.41
#